data_7C6T
#
_entry.id   7C6T
#
_cell.length_a   57.930
_cell.length_b   63.550
_cell.length_c   110.230
_cell.angle_alpha   90.000
_cell.angle_beta   90.000
_cell.angle_gamma   90.000
#
_symmetry.space_group_name_H-M   'P 21 21 21'
#
loop_
_entity.id
_entity.type
_entity.pdbx_description
1 polymer 'Sugar ABC transporter, periplasmic sugar-binding protein'
2 branched beta-D-glucopyranose-(1-3)-beta-D-glucopyranose-(1-3)-beta-D-glucopyranose
3 non-polymer 'CHLORIDE ION'
4 non-polymer 'CARBON DIOXIDE'
5 non-polymer 'SULFATE ION'
6 non-polymer 1,2-ETHANEDIOL
7 water water
#
_entity_poly.entity_id   1
_entity_poly.type   'polypeptide(L)'
_entity_poly.pdbx_seq_one_letter_code
;MQKTLEVWIMPNSPQPAEDFKALVAPFEKAHGVEVKVTVLDWGVAWTKITTAATSGVGPDLTQLGTTWVGAISAMGVLEP
VDDVLEALGGEKAYLPAVWRTTRLEGARQATAVPWFSELRAFYYRTDALKAAGVNPAEMFASWQGFEAGLARLKASSFRD
PETKAPLAPLCTPGRTPRTLHNAAPWIWGAGGEIVRQAGGRWQSALNSPESLEGLYFFLSLAQKGYVPAESLEKNTAQIE
ADFQAGKCAVFASGPWMIQRAQVPEAKGGFAERTAAKNLGVAPYPAGPKGRYTFFGGSNLALFNFSKNKPLAKELLKYLG
GPEAQVRYAQMTGMLPALRSAWSDPSFQQNPLLRTFIQAAQFGRTYPSLAGWGGVENLAVQHLGMAWDLVAQGRLTREAL
KDLMDKASAAINQALRHHHHHH
;
_entity_poly.pdbx_strand_id   A
#
# COMPACT_ATOMS: atom_id res chain seq x y z
N THR A 4 -8.81 20.70 23.96
CA THR A 4 -8.93 20.23 22.54
C THR A 4 -7.78 19.32 22.15
N LEU A 5 -8.11 18.11 21.67
CA LEU A 5 -7.11 17.13 21.14
C LEU A 5 -6.85 17.36 19.66
N GLU A 6 -5.60 17.24 19.24
CA GLU A 6 -5.20 17.45 17.82
C GLU A 6 -4.77 16.12 17.24
N VAL A 7 -5.41 15.72 16.14
CA VAL A 7 -5.00 14.52 15.35
C VAL A 7 -4.64 14.97 13.93
N TRP A 8 -3.49 14.52 13.44
CA TRP A 8 -3.06 14.63 12.02
C TRP A 8 -3.34 13.30 11.32
N ILE A 9 -4.03 13.36 10.19
CA ILE A 9 -4.38 12.17 9.39
C ILE A 9 -4.03 12.44 7.93
N MET A 10 -3.98 11.39 7.13
CA MET A 10 -3.82 11.47 5.66
C MET A 10 -5.21 11.46 5.02
N PRO A 11 -5.30 11.73 3.71
CA PRO A 11 -6.59 11.82 3.02
C PRO A 11 -7.16 10.42 2.80
N ASN A 12 -7.76 9.81 3.82
CA ASN A 12 -8.05 8.37 3.78
C ASN A 12 -9.38 8.09 3.07
N SER A 13 -10.21 9.11 2.83
CA SER A 13 -11.57 9.00 2.28
C SER A 13 -11.83 10.24 1.45
N PRO A 14 -12.82 10.25 0.54
CA PRO A 14 -13.08 11.44 -0.27
C PRO A 14 -13.23 12.76 0.52
N GLN A 15 -13.96 12.81 1.64
CA GLN A 15 -13.95 14.02 2.50
C GLN A 15 -13.38 13.67 3.88
N PRO A 16 -12.05 13.62 4.07
CA PRO A 16 -11.47 12.85 5.16
C PRO A 16 -11.65 13.50 6.55
N ALA A 17 -11.53 14.82 6.62
CA ALA A 17 -11.70 15.55 7.88
C ALA A 17 -13.15 15.30 8.32
N GLU A 18 -14.12 15.42 7.42
CA GLU A 18 -15.56 15.23 7.77
C GLU A 18 -15.81 13.79 8.19
N ASP A 19 -15.27 12.80 7.51
CA ASP A 19 -15.41 11.37 7.92
C ASP A 19 -14.78 11.10 9.30
N PHE A 20 -13.63 11.70 9.55
CA PHE A 20 -12.90 11.52 10.80
C PHE A 20 -13.73 12.08 11.93
N LYS A 21 -14.29 13.27 11.71
CA LYS A 21 -15.08 13.99 12.73
C LYS A 21 -16.38 13.22 13.02
N ALA A 22 -17.09 12.72 11.99
CA ALA A 22 -18.27 11.85 12.21
C ALA A 22 -17.80 10.60 13.00
N LEU A 23 -16.62 10.08 12.71
CA LEU A 23 -16.14 8.84 13.36
C LEU A 23 -15.97 9.14 14.85
N VAL A 24 -15.38 10.29 15.19
CA VAL A 24 -15.05 10.54 16.62
C VAL A 24 -16.20 11.18 17.37
N ALA A 25 -17.35 11.51 16.77
CA ALA A 25 -18.39 12.29 17.51
C ALA A 25 -18.77 11.58 18.81
N PRO A 26 -18.96 10.23 18.85
CA PRO A 26 -19.37 9.58 20.09
C PRO A 26 -18.27 9.60 21.16
N PHE A 27 -16.98 9.66 20.77
CA PHE A 27 -15.89 9.77 21.78
C PHE A 27 -15.96 11.18 22.40
N GLU A 28 -16.16 12.17 21.57
CA GLU A 28 -16.28 13.57 21.97
C GLU A 28 -17.41 13.70 22.97
N LYS A 29 -18.55 13.10 22.67
CA LYS A 29 -19.74 13.21 23.55
C LYS A 29 -19.44 12.53 24.88
N ALA A 30 -18.91 11.30 24.85
CA ALA A 30 -18.69 10.51 26.08
C ALA A 30 -17.55 11.14 26.93
N HIS A 31 -16.63 11.94 26.37
CA HIS A 31 -15.48 12.45 27.14
C HIS A 31 -15.58 13.96 27.37
N GLY A 32 -16.64 14.59 26.86
CA GLY A 32 -16.81 16.04 26.99
C GLY A 32 -15.60 16.79 26.44
N VAL A 33 -15.22 16.47 25.24
CA VAL A 33 -13.96 16.98 24.63
C VAL A 33 -14.18 17.11 23.11
N GLU A 34 -13.46 18.05 22.53
CA GLU A 34 -13.47 18.31 21.09
C GLU A 34 -12.13 17.80 20.56
N VAL A 35 -12.18 17.10 19.42
CA VAL A 35 -11.03 16.66 18.59
C VAL A 35 -10.91 17.57 17.35
N LYS A 36 -9.74 18.14 17.15
CA LYS A 36 -9.50 18.95 15.94
C LYS A 36 -8.56 18.17 15.02
N VAL A 37 -9.01 17.96 13.79
CA VAL A 37 -8.25 17.17 12.80
C VAL A 37 -7.63 18.12 11.79
N THR A 38 -6.43 17.74 11.34
CA THR A 38 -5.69 18.36 10.22
C THR A 38 -5.38 17.24 9.24
N VAL A 39 -5.60 17.45 7.96
CA VAL A 39 -5.38 16.39 6.94
C VAL A 39 -4.09 16.77 6.23
N LEU A 40 -3.05 15.93 6.23
CA LEU A 40 -1.82 16.11 5.43
C LEU A 40 -1.89 15.18 4.21
N ASP A 41 -1.63 15.72 3.03
CA ASP A 41 -1.38 14.92 1.80
C ASP A 41 -0.25 13.94 2.03
N TRP A 42 -0.39 12.73 1.49
CA TRP A 42 0.66 11.69 1.47
C TRP A 42 2.00 12.25 0.92
N GLY A 43 1.95 13.12 -0.11
CA GLY A 43 3.16 13.73 -0.71
C GLY A 43 3.98 14.51 0.32
N VAL A 44 3.34 15.05 1.35
CA VAL A 44 4.00 16.03 2.28
C VAL A 44 4.00 15.48 3.72
N ALA A 45 3.27 14.41 4.03
CA ALA A 45 2.94 14.10 5.44
C ALA A 45 4.17 13.68 6.23
N TRP A 46 5.05 12.93 5.55
CA TRP A 46 6.42 12.57 5.98
C TRP A 46 7.15 13.82 6.51
N THR A 47 7.39 14.83 5.70
CA THR A 47 8.14 16.06 6.11
C THR A 47 7.47 16.72 7.31
N LYS A 48 6.16 16.95 7.30
CA LYS A 48 5.55 17.68 8.44
C LYS A 48 5.64 16.86 9.72
N ILE A 49 5.57 15.53 9.61
CA ILE A 49 5.55 14.63 10.80
C ILE A 49 6.98 14.61 11.37
N THR A 50 7.96 14.67 10.47
CA THR A 50 9.39 14.57 10.85
C THR A 50 9.79 15.90 11.50
N THR A 51 9.36 17.01 10.90
CA THR A 51 9.52 18.37 11.50
C THR A 51 8.88 18.45 12.90
N ALA A 52 7.67 17.93 13.12
CA ALA A 52 7.06 17.92 14.48
C ALA A 52 7.93 17.12 15.47
N ALA A 53 8.40 15.95 15.06
CA ALA A 53 9.23 15.01 15.84
C ALA A 53 10.54 15.71 16.20
N THR A 54 11.17 16.38 15.25
CA THR A 54 12.43 17.14 15.44
C THR A 54 12.19 18.36 16.30
N SER A 55 11.08 19.07 16.20
CA SER A 55 10.89 20.38 16.88
C SER A 55 10.14 20.25 18.21
N GLY A 56 9.42 19.15 18.43
CA GLY A 56 8.61 19.05 19.66
C GLY A 56 7.33 19.85 19.57
N VAL A 57 6.97 20.26 18.36
CA VAL A 57 5.75 21.10 18.12
C VAL A 57 4.84 20.31 17.19
N GLY A 58 3.64 19.98 17.60
CA GLY A 58 2.89 19.09 16.69
C GLY A 58 1.61 18.68 17.38
N PRO A 59 0.95 17.65 16.83
CA PRO A 59 -0.33 17.20 17.36
C PRO A 59 -0.14 16.39 18.63
N ASP A 60 -1.25 15.95 19.22
CA ASP A 60 -1.26 14.82 20.17
C ASP A 60 -1.07 13.49 19.41
N LEU A 61 -1.96 13.15 18.48
CA LEU A 61 -1.82 11.90 17.67
C LEU A 61 -1.54 12.22 16.21
N THR A 62 -0.85 11.33 15.50
CA THR A 62 -0.58 11.40 14.07
C THR A 62 -0.78 10.02 13.49
N GLN A 63 -1.50 9.91 12.40
CA GLN A 63 -1.45 8.73 11.53
C GLN A 63 -0.01 8.58 11.05
N LEU A 64 0.45 7.34 10.98
CA LEU A 64 1.70 6.90 10.33
C LEU A 64 1.38 5.75 9.36
N GLY A 65 1.97 5.78 8.18
CA GLY A 65 2.28 4.59 7.40
C GLY A 65 2.93 3.53 8.28
N THR A 66 2.48 2.27 8.18
CA THR A 66 3.11 1.13 8.89
C THR A 66 4.61 1.16 8.64
N THR A 67 5.06 1.51 7.45
CA THR A 67 6.51 1.43 7.14
C THR A 67 7.26 2.65 7.69
N TRP A 68 6.60 3.63 8.29
CA TRP A 68 7.31 4.77 8.95
C TRP A 68 7.55 4.60 10.46
N VAL A 69 6.91 3.62 11.12
CA VAL A 69 6.81 3.55 12.60
C VAL A 69 8.21 3.40 13.17
N GLY A 70 9.08 2.65 12.47
CA GLY A 70 10.45 2.40 12.94
C GLY A 70 11.22 3.69 13.08
N ALA A 71 11.18 4.53 12.06
CA ALA A 71 12.06 5.71 11.92
C ALA A 71 11.60 6.75 12.94
N ILE A 72 10.29 6.97 12.99
CA ILE A 72 9.73 7.94 13.98
C ILE A 72 10.02 7.39 15.40
N SER A 73 9.88 6.10 15.62
CA SER A 73 10.12 5.56 16.98
C SER A 73 11.59 5.83 17.35
N ALA A 74 12.53 5.61 16.42
CA ALA A 74 13.97 5.76 16.69
C ALA A 74 14.33 7.22 17.00
N MET A 75 13.53 8.20 16.57
CA MET A 75 13.76 9.61 16.93
C MET A 75 13.41 9.87 18.40
N GLY A 76 12.90 8.87 19.15
CA GLY A 76 12.62 9.02 20.60
C GLY A 76 11.42 9.91 20.95
N VAL A 77 10.44 10.11 20.09
CA VAL A 77 9.36 11.07 20.42
C VAL A 77 8.01 10.40 20.62
N LEU A 78 7.96 9.05 20.58
CA LEU A 78 6.66 8.33 20.64
C LEU A 78 6.46 7.74 22.03
N GLU A 79 5.26 7.92 22.56
CA GLU A 79 4.84 7.41 23.88
C GLU A 79 4.59 5.91 23.77
N PRO A 80 5.04 5.11 24.75
CA PRO A 80 4.66 3.71 24.82
C PRO A 80 3.13 3.54 24.85
N VAL A 81 2.60 2.58 24.08
CA VAL A 81 1.15 2.29 24.02
C VAL A 81 0.95 0.78 24.17
N ASP A 82 1.77 0.07 24.94
CA ASP A 82 1.50 -1.36 25.29
C ASP A 82 0.18 -1.40 26.04
N ASP A 83 -0.05 -0.41 26.90
CA ASP A 83 -1.31 -0.35 27.74
C ASP A 83 -2.52 -0.32 26.79
N VAL A 84 -2.44 0.45 25.71
CA VAL A 84 -3.62 0.49 24.80
C VAL A 84 -3.78 -0.85 24.08
N LEU A 85 -2.67 -1.41 23.58
CA LEU A 85 -2.72 -2.64 22.78
C LEU A 85 -3.26 -3.79 23.65
N GLU A 86 -3.03 -3.76 24.97
CA GLU A 86 -3.59 -4.71 25.97
C GLU A 86 -5.09 -4.53 26.12
N ALA A 87 -5.55 -3.29 26.32
CA ALA A 87 -6.97 -2.98 26.43
C ALA A 87 -7.70 -3.41 25.16
N LEU A 88 -7.00 -3.51 24.00
CA LEU A 88 -7.63 -3.95 22.71
C LEU A 88 -7.47 -5.46 22.50
N GLY A 89 -6.73 -6.20 23.35
CA GLY A 89 -6.70 -7.67 23.23
C GLY A 89 -5.29 -8.19 23.07
N GLY A 90 -4.29 -7.30 22.97
CA GLY A 90 -2.87 -7.68 22.93
C GLY A 90 -2.50 -8.33 21.62
N GLU A 91 -1.36 -8.97 21.57
CA GLU A 91 -0.83 -9.55 20.31
C GLU A 91 -1.87 -10.39 19.59
N LYS A 92 -2.70 -11.15 20.33
CA LYS A 92 -3.75 -12.12 19.85
C LYS A 92 -4.74 -11.45 18.90
N ALA A 93 -5.02 -10.17 19.16
CA ALA A 93 -6.07 -9.39 18.49
C ALA A 93 -5.68 -9.06 17.05
N TYR A 94 -4.46 -9.33 16.60
CA TYR A 94 -3.92 -8.84 15.29
C TYR A 94 -3.29 -9.96 14.45
N LEU A 95 -3.39 -9.90 13.11
CA LEU A 95 -2.50 -10.64 12.20
C LEU A 95 -1.08 -10.26 12.60
N PRO A 96 -0.10 -11.18 12.45
CA PRO A 96 1.29 -10.89 12.80
C PRO A 96 1.87 -9.77 11.92
N ALA A 97 1.58 -9.82 10.65
CA ALA A 97 1.86 -8.76 9.69
C ALA A 97 1.50 -7.38 10.29
N VAL A 98 0.31 -7.28 10.91
CA VAL A 98 -0.13 -6.01 11.54
C VAL A 98 0.67 -5.84 12.83
N TRP A 99 0.70 -6.86 13.69
CA TRP A 99 1.34 -6.78 15.03
C TRP A 99 2.76 -6.21 14.95
N ARG A 100 3.49 -6.52 13.90
CA ARG A 100 4.93 -6.20 13.78
C ARG A 100 5.10 -4.71 13.46
N THR A 101 4.03 -4.04 13.02
CA THR A 101 4.06 -2.60 12.67
C THR A 101 3.90 -1.77 13.93
N THR A 102 3.58 -2.38 15.06
CA THR A 102 3.31 -1.63 16.30
C THR A 102 4.62 -1.17 16.95
N ARG A 103 5.78 -1.59 16.46
CA ARG A 103 7.04 -1.19 17.14
C ARG A 103 8.18 -1.09 16.13
N LEU A 104 9.24 -0.39 16.53
CA LEU A 104 10.58 -0.47 15.90
C LEU A 104 11.12 -1.89 16.04
N GLU A 105 11.66 -2.49 14.98
CA GLU A 105 12.06 -3.91 15.09
C GLU A 105 12.97 -4.04 16.31
N GLY A 106 12.59 -4.95 17.20
CA GLY A 106 13.48 -5.33 18.31
C GLY A 106 13.35 -4.41 19.50
N ALA A 107 12.57 -3.34 19.44
CA ALA A 107 12.34 -2.44 20.60
C ALA A 107 11.47 -3.17 21.61
N ARG A 108 11.68 -2.82 22.86
CA ARG A 108 10.94 -3.35 24.01
C ARG A 108 9.45 -2.98 23.93
N GLN A 109 9.15 -1.73 23.63
CA GLN A 109 7.78 -1.19 23.82
C GLN A 109 7.17 -0.89 22.46
N ALA A 110 5.92 -1.29 22.29
CA ALA A 110 5.03 -0.78 21.22
C ALA A 110 4.94 0.76 21.26
N THR A 111 4.94 1.37 20.08
CA THR A 111 4.90 2.85 19.93
C THR A 111 3.85 3.25 18.90
N ALA A 112 3.11 2.33 18.26
CA ALA A 112 1.96 2.65 17.38
C ALA A 112 0.79 1.69 17.57
N VAL A 113 -0.41 2.21 17.36
CA VAL A 113 -1.66 1.43 17.47
C VAL A 113 -2.22 1.20 16.06
N PRO A 114 -2.44 -0.07 15.66
CA PRO A 114 -2.97 -0.36 14.33
C PRO A 114 -4.32 0.32 14.10
N TRP A 115 -4.46 0.99 12.94
CA TRP A 115 -5.71 1.72 12.62
C TRP A 115 -6.48 1.02 11.51
N PHE A 116 -5.84 0.82 10.37
CA PHE A 116 -6.48 0.14 9.22
C PHE A 116 -5.37 -0.49 8.38
N SER A 117 -5.78 -1.49 7.63
CA SER A 117 -4.92 -2.30 6.76
C SER A 117 -5.31 -2.01 5.32
N GLU A 118 -4.33 -2.17 4.43
CA GLU A 118 -4.55 -2.21 2.99
C GLU A 118 -3.56 -3.22 2.43
N LEU A 119 -3.95 -3.93 1.37
CA LEU A 119 -3.02 -4.72 0.55
C LEU A 119 -3.36 -4.53 -0.94
N ARG A 120 -2.48 -5.03 -1.80
CA ARG A 120 -2.54 -4.76 -3.25
C ARG A 120 -2.97 -6.02 -3.99
N ALA A 121 -3.79 -5.83 -4.97
CA ALA A 121 -4.27 -6.87 -5.86
C ALA A 121 -4.54 -6.20 -7.18
N PHE A 122 -4.83 -6.97 -8.21
CA PHE A 122 -5.11 -6.40 -9.54
C PHE A 122 -6.60 -6.22 -9.69
N TYR A 123 -6.97 -5.04 -10.16
CA TYR A 123 -8.29 -4.75 -10.71
C TYR A 123 -8.24 -5.15 -12.18
N TYR A 124 -9.33 -5.63 -12.75
CA TYR A 124 -9.44 -5.97 -14.19
C TYR A 124 -10.80 -5.51 -14.73
N ARG A 125 -10.80 -5.19 -16.03
CA ARG A 125 -12.02 -4.93 -16.82
C ARG A 125 -12.60 -6.28 -17.24
N THR A 126 -13.68 -6.74 -16.58
CA THR A 126 -14.35 -8.04 -16.85
C THR A 126 -14.74 -8.10 -18.33
N ASP A 127 -15.15 -6.93 -18.86
CA ASP A 127 -15.52 -6.77 -20.29
C ASP A 127 -14.29 -7.00 -21.18
N ALA A 128 -13.13 -6.44 -20.86
CA ALA A 128 -11.96 -6.55 -21.77
C ALA A 128 -11.50 -8.01 -21.80
N LEU A 129 -11.45 -8.63 -20.64
CA LEU A 129 -11.01 -10.05 -20.50
C LEU A 129 -12.03 -10.97 -21.17
N LYS A 130 -13.33 -10.72 -21.02
CA LYS A 130 -14.38 -11.56 -21.65
C LYS A 130 -14.20 -11.46 -23.16
N ALA A 131 -13.99 -10.26 -23.68
CA ALA A 131 -13.75 -10.00 -25.11
C ALA A 131 -12.41 -10.60 -25.53
N ALA A 132 -11.36 -10.58 -24.70
CA ALA A 132 -10.07 -11.17 -25.11
C ALA A 132 -10.15 -12.71 -25.05
N GLY A 133 -11.16 -13.28 -24.37
CA GLY A 133 -11.24 -14.75 -24.17
C GLY A 133 -10.28 -15.22 -23.08
N VAL A 134 -9.96 -14.34 -22.14
CA VAL A 134 -9.05 -14.65 -20.99
C VAL A 134 -9.96 -15.06 -19.82
N ASN A 135 -9.81 -16.31 -19.36
CA ASN A 135 -10.21 -16.83 -18.03
C ASN A 135 -9.34 -16.19 -16.96
N PRO A 136 -9.85 -15.22 -16.18
CA PRO A 136 -9.14 -14.66 -15.04
C PRO A 136 -8.53 -15.67 -14.06
N ALA A 137 -9.20 -16.76 -13.75
CA ALA A 137 -8.62 -17.82 -12.90
C ALA A 137 -7.24 -18.23 -13.47
N GLU A 138 -7.10 -18.33 -14.77
CA GLU A 138 -5.81 -18.77 -15.39
C GLU A 138 -4.82 -17.62 -15.42
N MET A 139 -5.27 -16.40 -15.70
CA MET A 139 -4.34 -15.29 -16.00
C MET A 139 -3.64 -14.90 -14.69
N PHE A 140 -4.40 -14.96 -13.59
CA PHE A 140 -3.95 -14.53 -12.24
C PHE A 140 -3.53 -15.74 -11.40
N ALA A 141 -3.33 -16.94 -12.00
CA ALA A 141 -2.87 -18.14 -11.27
C ALA A 141 -1.35 -18.08 -11.14
N SER A 142 -0.63 -17.59 -12.15
CA SER A 142 0.81 -17.88 -12.35
C SER A 142 1.44 -16.76 -13.15
N TRP A 143 2.75 -16.61 -13.10
CA TRP A 143 3.47 -15.56 -13.84
C TRP A 143 3.31 -15.78 -15.35
N GLN A 144 3.34 -17.04 -15.75
CA GLN A 144 3.24 -17.49 -17.16
C GLN A 144 1.81 -17.22 -17.65
N GLY A 145 0.79 -17.42 -16.81
CA GLY A 145 -0.64 -17.24 -17.18
C GLY A 145 -0.92 -15.76 -17.29
N PHE A 146 -0.30 -14.98 -16.40
CA PHE A 146 -0.37 -13.50 -16.45
C PHE A 146 0.23 -12.99 -17.77
N GLU A 147 1.44 -13.43 -18.11
CA GLU A 147 2.10 -12.99 -19.38
C GLU A 147 1.24 -13.42 -20.59
N ALA A 148 0.63 -14.61 -20.59
CA ALA A 148 -0.18 -15.06 -21.76
C ALA A 148 -1.56 -14.33 -21.82
N GLY A 149 -2.08 -13.83 -20.69
CA GLY A 149 -3.34 -13.06 -20.64
C GLY A 149 -3.13 -11.64 -21.12
N LEU A 150 -2.01 -11.04 -20.74
CA LEU A 150 -1.61 -9.74 -21.34
C LEU A 150 -1.47 -9.87 -22.87
N ALA A 151 -0.80 -10.92 -23.38
CA ALA A 151 -0.60 -11.15 -24.85
C ALA A 151 -1.96 -11.22 -25.56
N ARG A 152 -2.91 -11.92 -24.95
CA ARG A 152 -4.28 -12.07 -25.52
C ARG A 152 -5.00 -10.71 -25.42
N LEU A 153 -4.83 -9.98 -24.33
CA LEU A 153 -5.33 -8.60 -24.19
C LEU A 153 -4.70 -7.67 -25.23
N LYS A 154 -3.41 -7.83 -25.56
CA LYS A 154 -2.75 -6.98 -26.59
C LYS A 154 -3.35 -7.23 -27.99
N ALA A 155 -3.59 -8.50 -28.36
CA ALA A 155 -4.12 -8.95 -29.67
C ALA A 155 -5.61 -8.58 -29.80
N SER A 156 -6.37 -8.45 -28.70
CA SER A 156 -7.86 -8.27 -28.72
C SER A 156 -8.27 -6.98 -29.47
N SER A 157 -9.35 -7.10 -30.25
CA SER A 157 -10.12 -6.04 -30.98
C SER A 157 -10.82 -5.09 -30.01
N PHE A 158 -10.95 -5.46 -28.75
CA PHE A 158 -11.82 -4.73 -27.81
C PHE A 158 -11.45 -3.23 -27.79
N ARG A 159 -12.48 -2.39 -27.58
CA ARG A 159 -12.31 -0.93 -27.40
C ARG A 159 -13.33 -0.46 -26.37
N ASP A 160 -12.89 0.30 -25.38
CA ASP A 160 -13.77 0.84 -24.32
C ASP A 160 -14.89 1.55 -25.05
N PRO A 161 -16.18 1.39 -24.66
CA PRO A 161 -17.29 2.08 -25.34
C PRO A 161 -17.30 3.60 -25.16
N GLU A 162 -16.78 4.14 -24.05
CA GLU A 162 -16.59 5.57 -23.94
C GLU A 162 -15.39 6.07 -24.82
N THR A 163 -14.16 5.66 -24.56
CA THR A 163 -12.99 6.15 -25.30
C THR A 163 -13.04 5.77 -26.77
N LYS A 164 -13.72 4.66 -27.06
CA LYS A 164 -13.80 4.02 -28.40
C LYS A 164 -12.39 3.70 -28.92
N ALA A 165 -11.41 3.47 -28.03
CA ALA A 165 -10.05 3.03 -28.43
C ALA A 165 -9.67 1.75 -27.70
N PRO A 166 -8.56 1.09 -28.09
CA PRO A 166 -8.03 -0.02 -27.33
C PRO A 166 -7.67 0.43 -25.91
N LEU A 167 -7.78 -0.58 -25.05
CA LEU A 167 -7.19 -0.61 -23.69
C LEU A 167 -5.72 -1.05 -23.81
N ALA A 168 -4.83 -0.41 -23.07
CA ALA A 168 -3.52 -0.99 -22.70
C ALA A 168 -3.78 -2.27 -21.90
N PRO A 169 -3.07 -3.37 -22.18
CA PRO A 169 -3.19 -4.60 -21.39
C PRO A 169 -2.93 -4.39 -19.89
N LEU A 170 -1.77 -3.79 -19.58
CA LEU A 170 -1.36 -3.51 -18.17
C LEU A 170 -0.99 -2.04 -18.09
N CYS A 171 -1.45 -1.34 -17.07
CA CYS A 171 -0.89 -0.01 -16.77
C CYS A 171 -0.17 -0.06 -15.44
N THR A 172 1.06 0.39 -15.43
CA THR A 172 1.89 0.51 -14.21
C THR A 172 2.73 1.77 -14.38
N PRO A 173 3.04 2.54 -13.32
CA PRO A 173 3.77 3.79 -13.49
C PRO A 173 5.30 3.56 -13.64
N GLY A 174 5.95 4.30 -14.55
CA GLY A 174 7.38 4.26 -14.79
C GLY A 174 8.04 5.49 -14.22
N ARG A 175 7.29 6.41 -13.62
CA ARG A 175 7.89 7.59 -13.02
C ARG A 175 8.62 7.07 -11.80
N THR A 176 9.70 7.76 -11.41
CA THR A 176 10.51 7.31 -10.26
C THR A 176 9.50 7.10 -9.14
N PRO A 177 9.24 5.84 -8.73
CA PRO A 177 8.21 5.60 -7.73
C PRO A 177 8.60 6.22 -6.38
N ARG A 178 7.64 6.41 -5.50
CA ARG A 178 7.92 6.88 -4.12
C ARG A 178 8.36 5.68 -3.28
N THR A 179 7.93 4.46 -3.63
CA THR A 179 8.11 3.23 -2.83
C THR A 179 8.26 2.03 -3.76
N LEU A 180 8.62 0.88 -3.18
CA LEU A 180 8.68 -0.42 -3.87
C LEU A 180 7.35 -1.13 -3.75
N HIS A 181 6.25 -0.49 -3.34
CA HIS A 181 4.93 -1.19 -3.20
C HIS A 181 4.58 -1.95 -4.50
N ASN A 182 4.75 -1.37 -5.69
CA ASN A 182 4.35 -2.05 -6.97
C ASN A 182 5.26 -3.23 -7.29
N ALA A 183 6.54 -3.05 -7.00
CA ALA A 183 7.65 -3.94 -7.36
C ALA A 183 7.83 -5.11 -6.38
N ALA A 184 7.52 -4.92 -5.09
CA ALA A 184 7.82 -5.93 -4.03
C ALA A 184 7.21 -7.28 -4.37
N PRO A 185 5.96 -7.37 -4.84
CA PRO A 185 5.37 -8.67 -5.09
C PRO A 185 6.16 -9.55 -6.08
N TRP A 186 6.82 -8.91 -7.04
CA TRP A 186 7.60 -9.55 -8.12
C TRP A 186 8.96 -9.98 -7.55
N ILE A 187 9.59 -9.15 -6.72
CA ILE A 187 10.84 -9.56 -6.03
C ILE A 187 10.54 -10.78 -5.15
N TRP A 188 9.46 -10.69 -4.37
CA TRP A 188 9.14 -11.77 -3.40
C TRP A 188 8.77 -13.08 -4.12
N GLY A 189 7.90 -13.00 -5.12
CA GLY A 189 7.38 -14.14 -5.89
C GLY A 189 8.50 -14.94 -6.55
N ALA A 190 9.64 -14.30 -6.88
CA ALA A 190 10.88 -14.95 -7.40
C ALA A 190 11.71 -15.59 -6.28
N GLY A 191 11.38 -15.33 -5.01
CA GLY A 191 12.18 -15.83 -3.89
C GLY A 191 13.17 -14.79 -3.42
N GLY A 192 13.01 -13.53 -3.82
CA GLY A 192 13.90 -12.46 -3.38
C GLY A 192 13.40 -11.68 -2.17
N GLU A 193 14.20 -10.68 -1.83
CA GLU A 193 13.88 -9.73 -0.77
C GLU A 193 14.63 -8.43 -1.03
N ILE A 194 14.18 -7.37 -0.37
CA ILE A 194 14.83 -6.03 -0.45
C ILE A 194 16.09 -5.98 0.44
N VAL A 195 15.93 -6.39 1.68
CA VAL A 195 17.08 -6.60 2.61
C VAL A 195 16.95 -7.98 3.25
N ARG A 196 18.03 -8.54 3.76
CA ARG A 196 17.92 -9.78 4.55
C ARG A 196 18.81 -9.62 5.76
N GLN A 197 18.46 -10.32 6.85
CA GLN A 197 19.16 -10.31 8.15
C GLN A 197 20.00 -11.57 8.23
N ALA A 198 21.30 -11.40 8.41
CA ALA A 198 22.22 -12.54 8.48
C ALA A 198 23.49 -12.05 9.16
N GLY A 199 23.93 -12.83 10.14
CA GLY A 199 25.16 -12.58 10.92
C GLY A 199 25.08 -11.27 11.70
N GLY A 200 23.90 -10.96 12.24
CA GLY A 200 23.66 -9.78 13.09
C GLY A 200 23.65 -8.47 12.30
N ARG A 201 23.40 -8.53 11.01
CA ARG A 201 23.30 -7.30 10.20
C ARG A 201 22.33 -7.50 9.04
N TRP A 202 21.71 -6.40 8.64
CA TRP A 202 20.80 -6.28 7.48
C TRP A 202 21.63 -5.86 6.28
N GLN A 203 21.45 -6.50 5.12
CA GLN A 203 22.10 -6.08 3.84
CA GLN A 203 22.13 -6.17 3.83
C GLN A 203 21.11 -6.21 2.68
N SER A 204 21.37 -5.47 1.59
CA SER A 204 20.58 -5.47 0.36
C SER A 204 20.52 -6.90 -0.19
N ALA A 205 19.35 -7.33 -0.66
CA ALA A 205 19.21 -8.57 -1.47
C ALA A 205 18.62 -8.20 -2.83
N LEU A 206 18.61 -6.93 -3.15
CA LEU A 206 18.04 -6.40 -4.39
C LEU A 206 18.88 -6.86 -5.55
N ASN A 207 20.14 -7.27 -5.30
CA ASN A 207 21.03 -7.73 -6.40
C ASN A 207 21.23 -9.24 -6.32
N SER A 208 20.55 -9.93 -5.41
CA SER A 208 20.38 -11.41 -5.47
C SER A 208 19.81 -11.79 -6.84
N PRO A 209 20.18 -12.94 -7.40
CA PRO A 209 19.64 -13.35 -8.69
C PRO A 209 18.11 -13.55 -8.68
N GLU A 210 17.55 -13.92 -7.53
CA GLU A 210 16.08 -14.07 -7.33
C GLU A 210 15.40 -12.70 -7.42
N SER A 211 15.93 -11.68 -6.75
CA SER A 211 15.43 -10.29 -6.84
C SER A 211 15.50 -9.80 -8.28
N LEU A 212 16.65 -9.92 -8.95
CA LEU A 212 16.78 -9.48 -10.36
C LEU A 212 15.81 -10.25 -11.24
N GLU A 213 15.62 -11.57 -11.05
CA GLU A 213 14.63 -12.36 -11.83
C GLU A 213 13.24 -11.71 -11.68
N GLY A 214 12.82 -11.48 -10.46
CA GLY A 214 11.49 -10.90 -10.19
C GLY A 214 11.34 -9.52 -10.81
N LEU A 215 12.21 -8.59 -10.45
CA LEU A 215 12.25 -7.21 -11.03
C LEU A 215 12.30 -7.30 -12.57
N TYR A 216 13.24 -8.04 -13.14
CA TYR A 216 13.36 -8.08 -14.62
C TYR A 216 12.06 -8.56 -15.27
N PHE A 217 11.42 -9.56 -14.65
CA PHE A 217 10.17 -10.13 -15.18
C PHE A 217 9.09 -9.03 -15.21
N PHE A 218 8.99 -8.27 -14.13
CA PHE A 218 8.04 -7.14 -14.03
C PHE A 218 8.38 -6.08 -15.10
N LEU A 219 9.63 -5.57 -15.12
CA LEU A 219 9.99 -4.39 -15.96
C LEU A 219 9.91 -4.77 -17.42
N SER A 220 10.23 -6.02 -17.77
CA SER A 220 10.29 -6.48 -19.18
C SER A 220 8.87 -6.60 -19.72
N LEU A 221 7.84 -6.89 -18.92
CA LEU A 221 6.44 -6.85 -19.47
C LEU A 221 6.26 -5.54 -20.23
N ALA A 222 6.70 -4.44 -19.63
CA ALA A 222 6.50 -3.09 -20.19
C ALA A 222 7.26 -3.05 -21.51
N GLN A 223 8.43 -3.70 -21.58
CA GLN A 223 9.39 -3.71 -22.71
C GLN A 223 8.83 -4.55 -23.86
N LYS A 224 8.04 -5.57 -23.57
CA LYS A 224 7.37 -6.46 -24.54
C LYS A 224 6.11 -5.85 -25.17
N GLY A 225 5.63 -4.69 -24.74
CA GLY A 225 4.45 -4.05 -25.38
C GLY A 225 3.16 -4.17 -24.54
N TYR A 226 3.20 -4.75 -23.34
CA TYR A 226 1.96 -4.94 -22.55
C TYR A 226 1.67 -3.67 -21.75
N VAL A 227 2.63 -2.76 -21.65
CA VAL A 227 2.46 -1.44 -20.99
C VAL A 227 2.83 -0.36 -21.98
N PRO A 228 1.88 0.54 -22.30
CA PRO A 228 2.10 1.57 -23.31
C PRO A 228 3.13 2.60 -22.85
N ALA A 229 3.73 3.32 -23.79
CA ALA A 229 4.91 4.15 -23.50
C ALA A 229 4.43 5.28 -22.59
N GLU A 230 3.19 5.67 -22.84
CA GLU A 230 2.49 6.72 -22.08
C GLU A 230 2.48 6.34 -20.58
N SER A 231 2.29 5.08 -20.22
CA SER A 231 2.21 4.68 -18.79
C SER A 231 3.55 4.91 -18.09
N LEU A 232 4.64 4.63 -18.79
CA LEU A 232 6.03 4.86 -18.30
C LEU A 232 6.21 6.30 -17.86
N GLU A 233 5.41 7.24 -18.39
CA GLU A 233 5.60 8.69 -18.10
C GLU A 233 4.70 9.11 -16.95
N LYS A 234 3.97 8.14 -16.34
CA LYS A 234 2.95 8.47 -15.30
C LYS A 234 3.31 7.92 -13.92
N ASN A 235 2.75 8.57 -12.88
CA ASN A 235 2.91 8.22 -11.43
C ASN A 235 1.65 7.44 -11.02
N THR A 236 1.53 7.01 -9.77
CA THR A 236 0.43 6.12 -9.30
C THR A 236 -0.87 6.81 -9.62
N ALA A 237 -1.04 8.07 -9.23
CA ALA A 237 -2.36 8.75 -9.27
C ALA A 237 -2.87 8.85 -10.71
N GLN A 238 -1.93 9.07 -11.64
CA GLN A 238 -2.22 9.20 -13.08
C GLN A 238 -2.65 7.84 -13.65
N ILE A 239 -1.97 6.76 -13.29
CA ILE A 239 -2.40 5.39 -13.69
C ILE A 239 -3.79 5.10 -13.12
N GLU A 240 -4.07 5.45 -11.87
CA GLU A 240 -5.43 5.31 -11.28
C GLU A 240 -6.45 5.98 -12.21
N ALA A 241 -6.17 7.22 -12.58
CA ALA A 241 -7.07 8.03 -13.43
C ALA A 241 -7.22 7.31 -14.75
N ASP A 242 -6.14 6.72 -15.27
CA ASP A 242 -6.18 6.09 -16.61
C ASP A 242 -7.09 4.85 -16.56
N PHE A 243 -6.99 4.04 -15.52
CA PHE A 243 -7.91 2.88 -15.40
C PHE A 243 -9.36 3.41 -15.36
N GLN A 244 -9.63 4.40 -14.51
CA GLN A 244 -10.99 4.98 -14.36
C GLN A 244 -11.56 5.43 -15.71
N ALA A 245 -10.74 6.09 -16.54
CA ALA A 245 -11.16 6.69 -17.83
C ALA A 245 -11.20 5.64 -18.96
N GLY A 246 -10.97 4.37 -18.63
CA GLY A 246 -11.13 3.29 -19.61
C GLY A 246 -9.93 3.17 -20.51
N LYS A 247 -8.71 3.46 -20.01
CA LYS A 247 -7.51 3.30 -20.88
C LYS A 247 -6.76 1.98 -20.60
N CYS A 248 -7.11 1.23 -19.56
CA CYS A 248 -6.32 0.08 -19.06
C CYS A 248 -7.22 -1.07 -18.65
N ALA A 249 -6.77 -2.27 -18.95
CA ALA A 249 -7.56 -3.49 -18.72
C ALA A 249 -7.22 -4.04 -17.33
N VAL A 250 -6.01 -3.78 -16.88
CA VAL A 250 -5.49 -4.39 -15.63
C VAL A 250 -4.58 -3.37 -14.94
N PHE A 251 -4.72 -3.19 -13.62
CA PHE A 251 -3.65 -2.56 -12.81
C PHE A 251 -3.82 -2.83 -11.32
N ALA A 252 -2.72 -2.72 -10.61
CA ALA A 252 -2.51 -3.09 -9.20
C ALA A 252 -2.86 -1.89 -8.33
N SER A 253 -3.73 -2.03 -7.34
CA SER A 253 -4.02 -0.98 -6.34
C SER A 253 -4.57 -1.61 -5.05
N GLY A 254 -4.93 -0.74 -4.12
CA GLY A 254 -5.54 -1.09 -2.83
C GLY A 254 -7.05 -1.21 -2.93
N PRO A 255 -7.70 -1.57 -1.79
CA PRO A 255 -9.14 -1.77 -1.75
C PRO A 255 -9.94 -0.49 -1.94
N TRP A 256 -9.31 0.67 -1.83
CA TRP A 256 -10.08 1.93 -1.83
C TRP A 256 -10.90 1.94 -3.12
N MET A 257 -10.33 1.47 -4.23
CA MET A 257 -10.94 1.71 -5.55
C MET A 257 -12.32 1.02 -5.60
N ILE A 258 -12.60 0.02 -4.78
CA ILE A 258 -13.97 -0.60 -4.74
C ILE A 258 -15.01 0.44 -4.30
N GLN A 259 -14.77 1.17 -3.22
CA GLN A 259 -15.75 2.14 -2.67
C GLN A 259 -15.80 3.34 -3.62
N ARG A 260 -14.67 3.69 -4.23
CA ARG A 260 -14.63 4.76 -5.25
C ARG A 260 -15.53 4.34 -6.43
N ALA A 261 -15.48 3.10 -6.89
CA ALA A 261 -16.29 2.68 -8.06
C ALA A 261 -17.79 2.77 -7.71
N GLN A 262 -18.21 2.96 -6.46
CA GLN A 262 -19.66 3.02 -6.09
C GLN A 262 -20.06 4.48 -5.78
N VAL A 263 -19.29 5.48 -6.23
CA VAL A 263 -19.43 6.90 -5.83
C VAL A 263 -19.36 7.74 -7.10
N PRO A 264 -20.40 8.58 -7.34
CA PRO A 264 -20.38 9.53 -8.45
C PRO A 264 -19.10 10.38 -8.60
N GLU A 265 -18.80 10.74 -9.85
CA GLU A 265 -17.60 11.52 -10.28
C GLU A 265 -17.50 12.77 -9.39
N ALA A 266 -18.62 13.49 -9.31
CA ALA A 266 -18.86 14.69 -8.48
C ALA A 266 -18.53 14.45 -6.98
N LYS A 267 -18.39 13.20 -6.51
CA LYS A 267 -18.08 12.92 -5.08
C LYS A 267 -16.66 12.34 -4.91
N GLY A 268 -15.86 12.29 -5.98
CA GLY A 268 -14.48 11.76 -5.97
C GLY A 268 -14.41 10.31 -6.44
N GLY A 269 -15.32 9.89 -7.32
CA GLY A 269 -15.47 8.49 -7.71
C GLY A 269 -15.59 8.36 -9.21
N PHE A 270 -16.00 7.20 -9.70
CA PHE A 270 -16.12 6.96 -11.15
C PHE A 270 -17.28 6.02 -11.43
N ALA A 271 -18.29 5.93 -10.56
CA ALA A 271 -19.42 4.96 -10.66
C ALA A 271 -20.03 4.97 -12.06
N GLU A 272 -20.20 6.17 -12.60
CA GLU A 272 -20.61 6.52 -13.99
C GLU A 272 -19.82 5.75 -15.07
N ARG A 273 -18.51 5.58 -14.91
CA ARG A 273 -17.62 5.11 -16.02
C ARG A 273 -17.87 3.63 -16.30
N THR A 274 -17.59 3.17 -17.50
CA THR A 274 -17.64 1.73 -17.86
C THR A 274 -16.87 0.93 -16.81
N ALA A 275 -15.62 1.31 -16.56
CA ALA A 275 -14.69 0.54 -15.72
C ALA A 275 -15.40 0.17 -14.42
N ALA A 276 -16.14 1.10 -13.83
CA ALA A 276 -16.89 0.85 -12.58
C ALA A 276 -17.99 -0.21 -12.74
N LYS A 277 -18.57 -0.37 -13.94
CA LYS A 277 -19.66 -1.35 -14.21
C LYS A 277 -19.06 -2.72 -14.60
N ASN A 278 -17.77 -2.76 -14.94
CA ASN A 278 -17.10 -3.95 -15.52
C ASN A 278 -15.88 -4.26 -14.66
N LEU A 279 -16.08 -4.25 -13.34
CA LEU A 279 -14.95 -4.23 -12.39
C LEU A 279 -14.74 -5.61 -11.76
N GLY A 280 -13.53 -6.15 -11.89
CA GLY A 280 -13.08 -7.40 -11.26
C GLY A 280 -11.83 -7.17 -10.42
N VAL A 281 -11.63 -8.03 -9.42
CA VAL A 281 -10.40 -8.04 -8.59
C VAL A 281 -9.82 -9.45 -8.67
N ALA A 282 -8.48 -9.56 -8.76
CA ALA A 282 -7.79 -10.86 -8.55
C ALA A 282 -6.45 -10.67 -7.83
N PRO A 283 -6.01 -11.70 -7.09
CA PRO A 283 -4.78 -11.64 -6.34
C PRO A 283 -3.57 -11.53 -7.26
N TYR A 284 -2.43 -11.17 -6.70
CA TYR A 284 -1.18 -11.32 -7.48
C TYR A 284 -1.06 -12.77 -7.89
N PRO A 285 -0.59 -13.06 -9.12
CA PRO A 285 -0.28 -14.43 -9.52
C PRO A 285 0.85 -15.00 -8.65
N ALA A 286 0.79 -16.31 -8.39
CA ALA A 286 1.90 -17.04 -7.74
C ALA A 286 3.08 -16.94 -8.70
N GLY A 287 4.26 -16.62 -8.14
CA GLY A 287 5.58 -16.61 -8.83
C GLY A 287 6.29 -17.95 -8.66
N PRO A 288 7.54 -18.12 -9.12
CA PRO A 288 8.25 -19.38 -8.93
C PRO A 288 8.37 -19.81 -7.46
N LYS A 289 8.47 -18.88 -6.52
CA LYS A 289 8.73 -19.26 -5.10
C LYS A 289 7.58 -18.82 -4.20
N GLY A 290 6.40 -18.64 -4.78
CA GLY A 290 5.14 -18.55 -4.04
C GLY A 290 4.47 -17.22 -4.32
N ARG A 291 3.43 -16.96 -3.54
CA ARG A 291 2.46 -15.90 -3.79
C ARG A 291 2.55 -14.91 -2.63
N TYR A 292 2.82 -13.65 -2.98
CA TYR A 292 3.01 -12.51 -2.06
C TYR A 292 2.34 -11.28 -2.65
N THR A 293 1.93 -10.37 -1.82
CA THR A 293 1.50 -9.04 -2.25
C THR A 293 1.93 -8.12 -1.12
N PHE A 294 1.99 -6.85 -1.38
CA PHE A 294 2.39 -5.90 -0.33
C PHE A 294 1.19 -5.77 0.58
N PHE A 295 1.47 -5.87 1.88
CA PHE A 295 0.51 -5.70 2.96
C PHE A 295 0.91 -4.44 3.73
N GLY A 296 0.04 -3.44 3.74
CA GLY A 296 0.30 -2.23 4.54
C GLY A 296 -0.88 -1.70 5.33
N GLY A 297 -0.92 -0.37 5.36
CA GLY A 297 -1.86 0.44 6.13
C GLY A 297 -1.17 1.51 6.96
N SER A 298 -1.88 1.93 8.01
CA SER A 298 -1.55 3.06 8.86
C SER A 298 -1.91 2.71 10.31
N ASN A 299 -1.05 3.19 11.20
CA ASN A 299 -1.18 3.09 12.66
C ASN A 299 -1.34 4.52 13.16
N LEU A 300 -1.67 4.66 14.43
CA LEU A 300 -1.73 5.95 15.13
C LEU A 300 -0.69 6.00 16.25
N ALA A 301 -0.02 7.12 16.38
CA ALA A 301 1.03 7.27 17.38
C ALA A 301 0.76 8.51 18.19
N LEU A 302 1.29 8.50 19.40
CA LEU A 302 1.14 9.59 20.37
C LEU A 302 2.52 10.14 20.65
N PHE A 303 2.67 11.44 20.44
CA PHE A 303 3.91 12.18 20.71
C PHE A 303 4.06 12.29 22.20
N ASN A 304 5.26 11.98 22.71
CA ASN A 304 5.55 11.96 24.17
C ASN A 304 5.68 13.37 24.70
N PHE A 305 5.65 14.40 23.87
CA PHE A 305 5.56 15.83 24.33
C PHE A 305 4.09 16.29 24.34
N SER A 306 3.12 15.38 24.09
CA SER A 306 1.68 15.73 24.15
C SER A 306 1.33 16.16 25.57
N LYS A 307 0.53 17.23 25.72
CA LYS A 307 -0.05 17.65 27.03
C LYS A 307 -1.36 16.89 27.28
N ASN A 308 -1.78 15.97 26.42
CA ASN A 308 -3.14 15.38 26.56
C ASN A 308 -3.03 13.87 26.45
N LYS A 309 -2.04 13.30 27.12
CA LYS A 309 -1.70 11.87 26.97
C LYS A 309 -2.87 11.01 27.43
N PRO A 310 -3.43 11.19 28.66
CA PRO A 310 -4.54 10.32 29.08
C PRO A 310 -5.66 10.28 28.02
N LEU A 311 -6.17 11.42 27.57
CA LEU A 311 -7.33 11.45 26.63
C LEU A 311 -6.88 10.90 25.28
N ALA A 312 -5.65 11.19 24.88
CA ALA A 312 -5.12 10.74 23.56
C ALA A 312 -5.09 9.22 23.59
N LYS A 313 -4.67 8.65 24.72
CA LYS A 313 -4.74 7.17 24.91
C LYS A 313 -6.21 6.68 24.83
N GLU A 314 -7.17 7.34 25.47
CA GLU A 314 -8.59 6.89 25.37
C GLU A 314 -8.98 6.95 23.89
N LEU A 315 -8.49 7.96 23.18
CA LEU A 315 -8.88 8.14 21.74
C LEU A 315 -8.25 7.01 20.91
N LEU A 316 -7.03 6.60 21.24
CA LEU A 316 -6.32 5.49 20.58
C LEU A 316 -7.09 4.20 20.85
N LYS A 317 -7.60 3.97 22.07
CA LYS A 317 -8.40 2.76 22.39
C LYS A 317 -9.73 2.83 21.65
N TYR A 318 -10.33 4.01 21.57
CA TYR A 318 -11.60 4.20 20.81
C TYR A 318 -11.37 3.86 19.32
N LEU A 319 -10.45 4.54 18.67
CA LEU A 319 -10.17 4.28 17.23
C LEU A 319 -9.70 2.83 16.98
N GLY A 320 -9.02 2.19 17.91
CA GLY A 320 -8.46 0.86 17.66
C GLY A 320 -9.52 -0.21 17.92
N GLY A 321 -10.63 0.15 18.56
CA GLY A 321 -11.60 -0.83 19.05
C GLY A 321 -12.62 -1.21 17.97
N PRO A 322 -13.37 -2.28 18.21
CA PRO A 322 -14.22 -2.90 17.20
C PRO A 322 -15.17 -1.97 16.44
N GLU A 323 -15.96 -1.16 17.15
CA GLU A 323 -17.02 -0.30 16.52
C GLU A 323 -16.37 0.76 15.59
N ALA A 324 -15.43 1.53 16.13
CA ALA A 324 -14.70 2.52 15.32
C ALA A 324 -13.99 1.77 14.19
N GLN A 325 -13.57 0.53 14.37
CA GLN A 325 -12.75 -0.17 13.34
C GLN A 325 -13.62 -0.47 12.13
N VAL A 326 -14.81 -1.01 12.38
CA VAL A 326 -15.84 -1.29 11.34
C VAL A 326 -16.23 0.01 10.68
N ARG A 327 -16.62 1.03 11.47
CA ARG A 327 -17.17 2.30 10.92
C ARG A 327 -16.13 2.96 10.00
N TYR A 328 -14.88 3.10 10.39
CA TYR A 328 -13.93 3.84 9.53
C TYR A 328 -13.55 3.02 8.29
N ALA A 329 -13.53 1.69 8.34
CA ALA A 329 -13.22 0.86 7.16
C ALA A 329 -14.31 1.02 6.10
N GLN A 330 -15.56 1.25 6.52
CA GLN A 330 -16.72 1.47 5.62
C GLN A 330 -16.62 2.83 4.91
N MET A 331 -16.20 3.89 5.60
CA MET A 331 -16.06 5.24 4.98
C MET A 331 -14.77 5.24 4.13
N THR A 332 -13.69 4.53 4.52
CA THR A 332 -12.42 4.63 3.76
C THR A 332 -12.36 3.63 2.59
N GLY A 333 -13.08 2.52 2.68
CA GLY A 333 -12.98 1.35 1.81
C GLY A 333 -11.74 0.51 2.13
N MET A 334 -11.14 0.70 3.30
CA MET A 334 -9.96 -0.08 3.75
C MET A 334 -10.42 -1.35 4.50
N LEU A 335 -9.49 -2.10 5.05
CA LEU A 335 -9.77 -3.13 6.06
C LEU A 335 -9.44 -2.63 7.48
N PRO A 336 -10.24 -3.06 8.47
CA PRO A 336 -9.89 -2.89 9.87
C PRO A 336 -8.51 -3.53 10.08
N ALA A 337 -7.77 -3.00 11.07
CA ALA A 337 -6.47 -3.49 11.56
C ALA A 337 -6.74 -4.69 12.49
N LEU A 338 -7.88 -4.68 13.18
CA LEU A 338 -8.33 -5.62 14.23
C LEU A 338 -8.95 -6.85 13.56
N ARG A 339 -8.44 -8.05 13.85
CA ARG A 339 -8.90 -9.27 13.19
C ARG A 339 -10.42 -9.42 13.36
N SER A 340 -10.98 -9.18 14.54
CA SER A 340 -12.40 -9.53 14.84
C SER A 340 -13.28 -8.74 13.89
N ALA A 341 -12.86 -7.52 13.55
CA ALA A 341 -13.64 -6.60 12.72
C ALA A 341 -13.76 -7.09 11.27
N TRP A 342 -12.93 -8.03 10.81
CA TRP A 342 -13.03 -8.57 9.43
C TRP A 342 -14.31 -9.39 9.24
N SER A 343 -14.91 -9.83 10.34
CA SER A 343 -16.07 -10.76 10.29
C SER A 343 -17.34 -9.96 9.96
N ASP A 344 -17.31 -8.62 9.97
CA ASP A 344 -18.53 -7.83 9.73
C ASP A 344 -19.01 -8.16 8.32
N PRO A 345 -20.35 -8.26 8.09
CA PRO A 345 -20.87 -8.65 6.78
C PRO A 345 -20.61 -7.61 5.68
N SER A 346 -20.64 -6.34 6.04
CA SER A 346 -20.20 -5.18 5.23
C SER A 346 -18.90 -5.50 4.48
N PHE A 347 -17.94 -6.24 5.08
CA PHE A 347 -16.71 -6.73 4.40
C PHE A 347 -16.97 -8.10 3.73
N GLN A 348 -17.58 -9.07 4.43
CA GLN A 348 -17.71 -10.48 3.93
C GLN A 348 -18.60 -10.56 2.67
N GLN A 349 -19.73 -9.87 2.58
CA GLN A 349 -20.67 -10.07 1.44
C GLN A 349 -20.43 -9.04 0.32
N ASN A 350 -19.34 -8.29 0.39
CA ASN A 350 -18.83 -7.46 -0.73
C ASN A 350 -17.87 -8.32 -1.54
N PRO A 351 -18.28 -8.87 -2.69
CA PRO A 351 -17.47 -9.88 -3.38
C PRO A 351 -16.10 -9.37 -3.84
N LEU A 352 -15.97 -8.09 -4.21
CA LEU A 352 -14.63 -7.53 -4.61
C LEU A 352 -13.73 -7.44 -3.37
N LEU A 353 -14.26 -6.88 -2.28
CA LEU A 353 -13.51 -6.79 -1.00
C LEU A 353 -13.17 -8.18 -0.51
N ARG A 354 -14.04 -9.18 -0.68
CA ARG A 354 -13.76 -10.59 -0.24
C ARG A 354 -12.48 -11.13 -0.89
N THR A 355 -12.16 -10.68 -2.09
CA THR A 355 -10.95 -11.11 -2.83
C THR A 355 -9.72 -10.52 -2.13
N PHE A 356 -9.81 -9.29 -1.64
CA PHE A 356 -8.69 -8.63 -0.89
C PHE A 356 -8.44 -9.42 0.38
N ILE A 357 -9.53 -9.84 0.99
CA ILE A 357 -9.53 -10.62 2.25
C ILE A 357 -8.82 -11.94 2.01
N GLN A 358 -9.10 -12.62 0.90
CA GLN A 358 -8.44 -13.90 0.59
C GLN A 358 -6.98 -13.60 0.26
N ALA A 359 -6.70 -12.54 -0.47
CA ALA A 359 -5.32 -12.16 -0.83
C ALA A 359 -4.46 -12.01 0.43
N ALA A 360 -5.04 -11.66 1.59
CA ALA A 360 -4.29 -11.27 2.81
C ALA A 360 -3.51 -12.46 3.36
N GLN A 361 -3.96 -13.66 3.06
CA GLN A 361 -3.21 -14.90 3.35
C GLN A 361 -1.74 -14.77 2.92
N PHE A 362 -1.46 -14.02 1.85
CA PHE A 362 -0.13 -13.93 1.19
C PHE A 362 0.42 -12.51 1.31
N GLY A 363 -0.20 -11.66 2.17
CA GLY A 363 0.26 -10.31 2.49
C GLY A 363 1.68 -10.41 3.02
N ARG A 364 2.61 -9.57 2.57
CA ARG A 364 3.95 -9.55 3.18
C ARG A 364 4.31 -8.12 3.50
N THR A 365 5.07 -7.94 4.57
CA THR A 365 5.45 -6.62 5.07
C THR A 365 6.97 -6.42 5.03
N TYR A 366 7.37 -5.18 5.03
CA TYR A 366 8.75 -4.72 5.32
C TYR A 366 9.10 -5.03 6.76
N PRO A 367 10.39 -5.31 7.06
CA PRO A 367 10.83 -5.26 8.44
C PRO A 367 10.73 -3.78 8.87
N SER A 368 10.50 -3.59 10.15
CA SER A 368 10.16 -2.30 10.78
C SER A 368 11.44 -1.69 11.33
N LEU A 369 12.30 -1.20 10.43
CA LEU A 369 13.68 -0.71 10.69
C LEU A 369 13.70 0.81 10.74
N ALA A 370 14.51 1.33 11.65
CA ALA A 370 14.82 2.76 11.80
C ALA A 370 15.24 3.35 10.44
N GLY A 371 16.09 2.66 9.69
CA GLY A 371 16.65 3.13 8.40
C GLY A 371 15.79 2.69 7.23
N TRP A 372 14.61 2.13 7.44
CA TRP A 372 13.83 1.60 6.28
C TRP A 372 13.71 2.66 5.19
N GLY A 373 13.33 3.87 5.58
CA GLY A 373 13.07 5.03 4.69
C GLY A 373 14.25 5.25 3.76
N GLY A 374 15.47 5.34 4.29
CA GLY A 374 16.75 5.50 3.54
C GLY A 374 16.95 4.36 2.56
N VAL A 375 16.64 3.14 2.99
CA VAL A 375 16.71 1.94 2.13
C VAL A 375 15.74 2.09 0.95
N GLU A 376 14.48 2.37 1.21
CA GLU A 376 13.45 2.40 0.13
C GLU A 376 13.79 3.53 -0.84
N ASN A 377 14.34 4.64 -0.33
CA ASN A 377 14.72 5.81 -1.14
C ASN A 377 15.89 5.54 -2.07
N LEU A 378 16.98 4.91 -1.66
CA LEU A 378 18.01 4.52 -2.64
C LEU A 378 17.48 3.45 -3.60
N ALA A 379 16.64 2.53 -3.13
CA ALA A 379 16.10 1.49 -4.04
C ALA A 379 15.26 2.12 -5.13
N VAL A 380 14.36 3.03 -4.80
CA VAL A 380 13.45 3.62 -5.81
C VAL A 380 14.23 4.50 -6.78
N GLN A 381 15.33 5.16 -6.33
CA GLN A 381 16.19 6.00 -7.20
C GLN A 381 16.71 5.11 -8.34
N HIS A 382 17.30 3.97 -7.97
CA HIS A 382 17.92 3.02 -8.93
C HIS A 382 16.82 2.38 -9.77
N LEU A 383 15.67 2.10 -9.16
CA LEU A 383 14.56 1.50 -9.92
C LEU A 383 14.03 2.52 -10.93
N GLY A 384 13.91 3.79 -10.58
CA GLY A 384 13.62 4.86 -11.55
C GLY A 384 14.56 4.83 -12.76
N MET A 385 15.82 4.56 -12.57
CA MET A 385 16.79 4.52 -13.72
C MET A 385 16.49 3.28 -14.57
N ALA A 386 15.93 2.22 -14.00
CA ALA A 386 15.65 0.97 -14.73
C ALA A 386 14.46 1.23 -15.68
N TRP A 387 13.42 1.85 -15.13
CA TRP A 387 12.23 2.31 -15.89
C TRP A 387 12.66 3.20 -17.04
N ASP A 388 13.64 4.07 -16.83
CA ASP A 388 14.14 4.93 -17.93
C ASP A 388 14.82 4.07 -19.01
N LEU A 389 15.51 2.99 -18.64
CA LEU A 389 16.05 2.07 -19.66
C LEU A 389 14.87 1.36 -20.38
N VAL A 390 13.76 1.03 -19.70
CA VAL A 390 12.57 0.35 -20.31
C VAL A 390 11.94 1.32 -21.31
N ALA A 391 11.92 2.62 -21.02
CA ALA A 391 11.42 3.70 -21.91
C ALA A 391 12.27 3.78 -23.19
N GLN A 392 13.49 3.22 -23.18
CA GLN A 392 14.37 3.12 -24.38
C GLN A 392 14.36 1.74 -25.06
N GLY A 393 13.71 0.74 -24.46
CA GLY A 393 13.85 -0.64 -24.97
C GLY A 393 15.20 -1.21 -24.61
N ARG A 394 15.89 -0.70 -23.57
CA ARG A 394 17.33 -1.00 -23.32
C ARG A 394 17.60 -1.55 -21.92
N LEU A 395 16.58 -1.99 -21.19
CA LEU A 395 16.81 -2.78 -19.94
C LEU A 395 17.17 -4.22 -20.31
N THR A 396 18.39 -4.59 -20.01
CA THR A 396 18.93 -5.96 -20.18
C THR A 396 19.13 -6.44 -18.76
N ARG A 397 19.43 -7.73 -18.61
CA ARG A 397 19.67 -8.32 -17.27
C ARG A 397 20.94 -7.66 -16.69
N GLU A 398 21.94 -7.43 -17.52
CA GLU A 398 23.26 -6.85 -17.14
C GLU A 398 23.04 -5.44 -16.56
N ALA A 399 22.39 -4.53 -17.29
CA ALA A 399 22.17 -3.13 -16.88
C ALA A 399 21.35 -3.12 -15.59
N LEU A 400 20.36 -4.00 -15.48
CA LEU A 400 19.52 -4.05 -14.24
C LEU A 400 20.40 -4.53 -13.07
N LYS A 401 21.25 -5.52 -13.31
CA LYS A 401 22.17 -6.03 -12.27
C LYS A 401 23.13 -4.90 -11.87
N ASP A 402 23.73 -4.19 -12.81
CA ASP A 402 24.59 -3.02 -12.52
C ASP A 402 23.90 -1.98 -11.63
N LEU A 403 22.66 -1.63 -11.92
CA LEU A 403 21.87 -0.68 -11.11
C LEU A 403 21.58 -1.21 -9.72
N MET A 404 21.19 -2.47 -9.54
CA MET A 404 20.91 -3.00 -8.19
C MET A 404 22.22 -3.32 -7.45
N ASP A 405 23.35 -3.54 -8.12
CA ASP A 405 24.67 -3.60 -7.39
C ASP A 405 24.96 -2.23 -6.77
N LYS A 406 24.69 -1.14 -7.50
CA LYS A 406 24.94 0.24 -7.01
C LYS A 406 23.93 0.56 -5.90
N ALA A 407 22.68 0.17 -6.07
CA ALA A 407 21.67 0.32 -5.01
C ALA A 407 22.16 -0.42 -3.78
N SER A 408 22.62 -1.66 -3.99
CA SER A 408 23.01 -2.55 -2.87
C SER A 408 24.21 -1.93 -2.18
N ALA A 409 25.24 -1.52 -2.91
CA ALA A 409 26.45 -0.91 -2.27
C ALA A 409 26.00 0.33 -1.47
N ALA A 410 25.09 1.15 -2.00
CA ALA A 410 24.64 2.38 -1.31
C ALA A 410 23.66 2.02 -0.16
N ILE A 411 22.85 0.97 -0.30
CA ILE A 411 22.02 0.49 0.86
C ILE A 411 22.91 -0.07 1.99
N ASN A 412 23.92 -0.88 1.68
CA ASN A 412 24.79 -1.51 2.72
C ASN A 412 25.56 -0.43 3.50
N GLN A 413 26.00 0.64 2.83
CA GLN A 413 26.63 1.77 3.56
C GLN A 413 25.61 2.26 4.57
N ALA A 414 24.38 2.50 4.14
CA ALA A 414 23.37 3.19 4.97
C ALA A 414 23.15 2.38 6.24
N LEU A 415 23.19 1.04 6.17
CA LEU A 415 22.87 0.11 7.29
C LEU A 415 24.06 -0.14 8.23
N ARG A 416 25.29 0.28 7.92
CA ARG A 416 26.47 -0.28 8.66
C ARG A 416 26.51 0.25 10.11
#